data_7Z64
#
_entry.id   7Z64
#
_cell.length_a   65.970
_cell.length_b   62.420
_cell.length_c   102.650
_cell.angle_alpha   90.000
_cell.angle_beta   102.750
_cell.angle_gamma   90.000
#
_symmetry.space_group_name_H-M   'P 1 21 1'
#
loop_
_entity.id
_entity.type
_entity.pdbx_description
1 polymer 'Chitinase, GH18 family'
2 branched 2-acetamido-2-deoxy-beta-D-glucopyranose-(1-4)-2-acetamido-2-deoxy-beta-D-glucopyranose-(1-4)-2-acetamido-2-deoxy-beta-D-glucopyranose-(1-4)-2-acetamido-2-deoxy-beta-D-glucopyranose-(1-4)-2-acetamido-2-deoxy-beta-D-glucopyranose-(1-4)-2-acetamido-2-deoxy-beta-D-glucopyranose
3 non-polymer 1,2-ETHANEDIOL
4 non-polymer 'SODIUM ION'
5 water water
#
_entity_poly.entity_id   1
_entity_poly.type   'polypeptide(L)'
_entity_poly.pdbx_seq_one_letter_code
;MVISWIPPYNVPVSFENLEKSFDGYGPADGLSHIAPQFWVPDGNGGISYVTRDDYSMDYMNDDSVKVIRDWGNQYGIKTM
LCIYNGEHGWDWSLVSTSISAANRQSFVDAIVTEMKRLNLHGVEVDLQGPNADSPTDTENFLLFMEKLSDTLSSLGKDLT
IATFASREWDHIPDASHWPELLPLVDGITSMGYEETGINATGDLSYAGQKSMAAGAPEKLMLGMPDHLDSWQGSSALQQV
EWAQDNGVGVALWDMQLRNEAWQRRDIWKALSEIRGPL
;
_entity_poly.pdbx_strand_id   A,B
#
# COMPACT_ATOMS: atom_id res chain seq x y z
N MET A 1 -4.10 -21.34 -9.48
CA MET A 1 -4.41 -21.97 -8.17
C MET A 1 -4.90 -20.87 -7.23
N VAL A 2 -5.79 -21.22 -6.29
CA VAL A 2 -6.19 -20.33 -5.22
C VAL A 2 -6.06 -21.10 -3.91
N ILE A 3 -5.22 -20.61 -3.00
CA ILE A 3 -4.97 -21.31 -1.75
C ILE A 3 -5.28 -20.38 -0.58
N SER A 4 -5.62 -20.99 0.56
CA SER A 4 -5.64 -20.28 1.82
C SER A 4 -5.10 -21.21 2.89
N TRP A 5 -4.85 -20.63 4.06
CA TRP A 5 -4.25 -21.35 5.18
C TRP A 5 -5.15 -21.25 6.40
N ILE A 6 -5.05 -22.27 7.25
CA ILE A 6 -5.64 -22.29 8.58
C ILE A 6 -4.48 -22.26 9.58
N PRO A 7 -4.24 -21.15 10.25
CA PRO A 7 -3.17 -21.11 11.25
C PRO A 7 -3.54 -21.96 12.45
N PRO A 8 -2.57 -22.30 13.30
CA PRO A 8 -2.85 -23.21 14.43
C PRO A 8 -3.40 -22.56 15.68
N TYR A 9 -3.83 -21.30 15.59
CA TYR A 9 -4.52 -20.59 16.66
C TYR A 9 -5.83 -20.07 16.08
N ASN A 10 -6.80 -19.78 16.96
CA ASN A 10 -8.12 -19.30 16.54
C ASN A 10 -8.79 -20.27 15.55
N VAL A 11 -8.49 -21.57 15.67
CA VAL A 11 -9.00 -22.54 14.70
C VAL A 11 -10.52 -22.58 14.64
N PRO A 12 -11.28 -22.47 15.73
CA PRO A 12 -12.74 -22.51 15.59
C PRO A 12 -13.27 -21.50 14.58
N VAL A 13 -12.68 -20.31 14.58
CA VAL A 13 -13.11 -19.27 13.64
C VAL A 13 -12.84 -19.69 12.20
N SER A 14 -11.62 -20.17 11.91
CA SER A 14 -11.30 -20.63 10.56
C SER A 14 -12.21 -21.75 10.12
N PHE A 15 -12.49 -22.71 11.01
CA PHE A 15 -13.37 -23.83 10.65
C PHE A 15 -14.78 -23.34 10.32
N GLU A 16 -15.32 -22.40 11.08
CA GLU A 16 -16.61 -21.85 10.76
C GLU A 16 -16.59 -21.18 9.39
N ASN A 17 -15.50 -20.48 9.08
CA ASN A 17 -15.41 -19.75 7.82
C ASN A 17 -15.39 -20.67 6.61
N LEU A 18 -14.86 -21.89 6.75
CA LEU A 18 -14.81 -22.81 5.61
C LEU A 18 -16.19 -23.06 5.04
N GLU A 19 -17.21 -23.07 5.88
CA GLU A 19 -18.55 -23.41 5.45
C GLU A 19 -19.40 -22.18 5.16
N LYS A 20 -18.84 -20.98 5.24
CA LYS A 20 -19.63 -19.79 4.99
C LYS A 20 -19.93 -19.61 3.51
N SER A 21 -21.12 -19.12 3.22
CA SER A 21 -21.49 -18.66 1.89
C SER A 21 -21.97 -17.23 2.06
N PHE A 22 -21.26 -16.29 1.47
CA PHE A 22 -21.59 -14.88 1.56
C PHE A 22 -22.56 -14.60 0.42
N ASP A 23 -23.85 -14.81 0.70
CA ASP A 23 -24.89 -14.60 -0.29
C ASP A 23 -24.66 -15.40 -1.57
N GLY A 24 -24.04 -16.58 -1.46
CA GLY A 24 -23.94 -17.51 -2.56
C GLY A 24 -22.52 -17.88 -2.96
N TYR A 25 -21.51 -17.10 -2.57
CA TYR A 25 -20.13 -17.44 -2.85
C TYR A 25 -19.31 -17.40 -1.58
N GLY A 26 -18.42 -18.37 -1.44
CA GLY A 26 -17.55 -18.44 -0.29
C GLY A 26 -16.37 -19.34 -0.55
N PRO A 27 -15.67 -19.71 0.51
CA PRO A 27 -14.46 -20.53 0.35
C PRO A 27 -14.64 -21.80 -0.48
N ALA A 28 -15.77 -22.49 -0.37
CA ALA A 28 -15.98 -23.71 -1.15
C ALA A 28 -15.97 -23.43 -2.65
N ASP A 29 -16.32 -22.21 -3.04
CA ASP A 29 -16.31 -21.81 -4.44
C ASP A 29 -14.99 -21.20 -4.90
N GLY A 30 -14.23 -20.60 -3.99
CA GLY A 30 -13.06 -19.82 -4.34
C GLY A 30 -11.74 -20.55 -4.25
N LEU A 31 -11.60 -21.50 -3.31
CA LEU A 31 -10.32 -22.16 -3.10
C LEU A 31 -10.19 -23.43 -3.92
N SER A 32 -8.99 -23.64 -4.47
CA SER A 32 -8.62 -24.97 -4.96
C SER A 32 -7.86 -25.78 -3.92
N HIS A 33 -7.22 -25.11 -2.97
CA HIS A 33 -6.35 -25.74 -2.00
C HIS A 33 -6.54 -25.07 -0.64
N ILE A 34 -6.48 -25.87 0.41
CA ILE A 34 -6.56 -25.40 1.79
C ILE A 34 -5.41 -26.02 2.55
N ALA A 35 -4.72 -25.21 3.36
CA ALA A 35 -3.45 -25.60 3.98
C ALA A 35 -3.46 -25.37 5.48
N PRO A 36 -3.75 -26.39 6.30
CA PRO A 36 -3.61 -26.25 7.76
C PRO A 36 -2.14 -26.18 8.15
N GLN A 37 -1.76 -25.07 8.78
CA GLN A 37 -0.39 -24.81 9.18
C GLN A 37 -0.17 -25.42 10.57
N PHE A 38 -0.22 -26.75 10.61
CA PHE A 38 -0.30 -27.49 11.88
C PHE A 38 0.96 -28.30 12.19
N TRP A 39 1.95 -28.32 11.31
CA TRP A 39 3.13 -29.15 11.50
C TRP A 39 4.40 -28.32 11.49
N VAL A 40 5.41 -28.83 12.19
CA VAL A 40 6.72 -28.17 12.31
C VAL A 40 7.81 -29.23 12.16
N PRO A 41 9.02 -28.82 11.75
CA PRO A 41 10.16 -29.74 11.84
C PRO A 41 10.53 -29.93 13.29
N ASP A 42 11.00 -31.14 13.64
CA ASP A 42 11.59 -31.32 14.95
C ASP A 42 13.07 -30.96 14.99
N GLY A 43 13.68 -30.71 13.83
CA GLY A 43 15.07 -30.33 13.74
C GLY A 43 16.03 -31.48 13.59
N ASN A 44 15.56 -32.70 13.76
CA ASN A 44 16.41 -33.88 13.69
C ASN A 44 16.04 -34.79 12.53
N GLY A 45 15.24 -34.30 11.58
CA GLY A 45 14.84 -35.07 10.43
C GLY A 45 13.41 -35.53 10.47
N GLY A 46 12.67 -35.20 11.52
CA GLY A 46 11.27 -35.59 11.62
C GLY A 46 10.36 -34.38 11.67
N ILE A 47 9.08 -34.63 11.93
CA ILE A 47 8.08 -33.57 12.03
C ILE A 47 7.17 -33.84 13.21
N SER A 48 6.43 -32.81 13.61
CA SER A 48 5.55 -32.86 14.76
C SER A 48 4.38 -31.94 14.52
N TYR A 49 3.23 -32.26 15.11
CA TYR A 49 2.20 -31.26 15.24
C TYR A 49 2.70 -30.12 16.13
N VAL A 50 2.09 -28.95 15.93
CA VAL A 50 2.22 -27.86 16.88
C VAL A 50 1.87 -28.35 18.28
N THR A 51 2.62 -27.89 19.28
CA THR A 51 2.40 -28.30 20.68
C THR A 51 2.22 -27.16 21.68
N ARG A 52 2.44 -25.92 21.29
CA ARG A 52 2.22 -24.76 22.17
C ARG A 52 0.86 -24.82 22.84
N ASP A 53 0.84 -24.80 24.18
CA ASP A 53 -0.44 -24.99 24.86
C ASP A 53 -1.35 -23.78 24.81
N ASP A 54 -0.87 -22.64 24.34
CA ASP A 54 -1.71 -21.45 24.16
C ASP A 54 -2.25 -21.30 22.74
N TYR A 55 -1.95 -22.25 21.85
CA TYR A 55 -2.57 -22.32 20.54
C TYR A 55 -3.80 -23.23 20.64
N SER A 56 -4.41 -23.56 19.50
CA SER A 56 -5.66 -24.34 19.51
C SER A 56 -5.35 -25.83 19.61
N MET A 57 -4.91 -26.23 20.82
CA MET A 57 -4.43 -27.60 20.99
C MET A 57 -5.53 -28.62 20.77
N ASP A 58 -6.79 -28.26 21.02
CA ASP A 58 -7.92 -29.16 20.78
C ASP A 58 -8.07 -29.52 19.31
N TYR A 59 -7.39 -28.81 18.40
CA TYR A 59 -7.47 -29.04 16.97
C TYR A 59 -6.18 -29.59 16.36
N MET A 60 -5.11 -29.74 17.15
CA MET A 60 -3.84 -30.24 16.59
C MET A 60 -3.86 -31.77 16.64
N ASN A 61 -4.69 -32.35 15.78
CA ASN A 61 -4.90 -33.79 15.83
C ASN A 61 -5.47 -34.29 14.52
N ASP A 62 -5.41 -35.60 14.35
CA ASP A 62 -5.80 -36.24 13.09
C ASP A 62 -7.27 -36.00 12.78
N ASP A 63 -8.14 -36.09 13.80
CA ASP A 63 -9.56 -35.92 13.54
C ASP A 63 -9.86 -34.53 12.99
N SER A 64 -9.20 -33.50 13.51
CA SER A 64 -9.44 -32.15 13.03
C SER A 64 -8.90 -31.94 11.61
N VAL A 65 -7.72 -32.49 11.33
CA VAL A 65 -7.21 -32.44 9.97
C VAL A 65 -8.17 -33.14 9.01
N LYS A 66 -8.74 -34.27 9.42
CA LYS A 66 -9.67 -34.98 8.55
C LYS A 66 -10.97 -34.21 8.36
N VAL A 67 -11.36 -33.39 9.32
CA VAL A 67 -12.51 -32.50 9.11
C VAL A 67 -12.26 -31.59 7.91
N ILE A 68 -11.07 -30.97 7.86
CA ILE A 68 -10.71 -30.12 6.73
C ILE A 68 -10.69 -30.93 5.43
N ARG A 69 -10.00 -32.08 5.47
CA ARG A 69 -9.89 -32.92 4.28
C ARG A 69 -11.26 -33.32 3.75
N ASP A 70 -12.14 -33.79 4.64
CA ASP A 70 -13.48 -34.23 4.23
C ASP A 70 -14.30 -33.06 3.73
N TRP A 71 -14.15 -31.88 4.34
CA TRP A 71 -14.80 -30.69 3.82
C TRP A 71 -14.39 -30.44 2.37
N GLY A 72 -13.09 -30.45 2.11
CA GLY A 72 -12.65 -30.13 0.77
C GLY A 72 -13.01 -31.20 -0.24
N ASN A 73 -13.01 -32.46 0.20
CA ASN A 73 -13.30 -33.55 -0.73
C ASN A 73 -14.70 -33.43 -1.32
N GLN A 74 -15.62 -32.75 -0.63
CA GLN A 74 -16.97 -32.55 -1.17
C GLN A 74 -16.93 -31.77 -2.47
N TYR A 75 -15.93 -30.91 -2.65
CA TYR A 75 -15.85 -29.96 -3.74
C TYR A 75 -14.69 -30.20 -4.67
N GLY A 76 -13.86 -31.20 -4.42
CA GLY A 76 -12.63 -31.38 -5.16
C GLY A 76 -11.49 -30.48 -4.73
N ILE A 77 -11.62 -29.82 -3.59
CA ILE A 77 -10.56 -28.98 -3.01
C ILE A 77 -9.54 -29.90 -2.36
N LYS A 78 -8.26 -29.54 -2.51
CA LYS A 78 -7.14 -30.33 -2.04
C LYS A 78 -6.65 -29.79 -0.69
N THR A 79 -6.49 -30.67 0.29
CA THR A 79 -5.95 -30.30 1.59
C THR A 79 -4.46 -30.61 1.58
N MET A 80 -3.67 -29.60 1.91
CA MET A 80 -2.22 -29.67 1.87
C MET A 80 -1.67 -29.70 3.28
N LEU A 81 -0.74 -30.62 3.53
CA LEU A 81 0.04 -30.60 4.76
C LEU A 81 0.95 -29.38 4.71
N CYS A 82 0.73 -28.41 5.58
CA CYS A 82 1.55 -27.21 5.63
C CYS A 82 2.53 -27.33 6.79
N ILE A 83 3.82 -27.38 6.47
CA ILE A 83 4.86 -27.45 7.48
C ILE A 83 5.53 -26.07 7.54
N TYR A 84 5.64 -25.54 8.76
CA TYR A 84 6.23 -24.22 8.95
C TYR A 84 7.19 -24.27 10.12
N ASN A 85 7.96 -23.20 10.26
CA ASN A 85 8.99 -23.13 11.28
C ASN A 85 8.82 -21.88 12.12
N GLY A 86 7.56 -21.48 12.36
CA GLY A 86 7.29 -20.27 13.13
C GLY A 86 6.55 -20.46 14.45
N GLU A 87 6.56 -21.68 15.00
CA GLU A 87 5.79 -21.95 16.21
C GLU A 87 6.17 -21.01 17.35
N HIS A 88 7.47 -20.77 17.53
CA HIS A 88 8.01 -19.90 18.58
C HIS A 88 8.81 -18.76 17.96
N GLY A 89 8.27 -18.18 16.90
CA GLY A 89 9.00 -17.26 16.05
C GLY A 89 9.71 -18.01 14.93
N TRP A 90 10.18 -17.25 13.94
CA TRP A 90 10.72 -17.85 12.74
C TRP A 90 12.13 -18.35 13.02
N ASP A 91 12.30 -19.66 13.04
CA ASP A 91 13.51 -20.31 13.51
C ASP A 91 14.12 -21.08 12.36
N TRP A 92 15.07 -20.47 11.65
CA TRP A 92 15.67 -21.14 10.51
C TRP A 92 16.54 -22.33 10.93
N SER A 93 17.05 -22.35 12.17
CA SER A 93 17.90 -23.45 12.59
C SER A 93 17.17 -24.78 12.53
N LEU A 94 15.85 -24.79 12.78
CA LEU A 94 15.06 -26.01 12.66
C LEU A 94 15.07 -26.54 11.24
N VAL A 95 15.15 -25.64 10.25
CA VAL A 95 15.17 -26.03 8.86
C VAL A 95 16.57 -26.43 8.44
N SER A 96 17.58 -25.65 8.83
CA SER A 96 18.95 -25.91 8.39
CA SER A 96 18.94 -25.92 8.38
C SER A 96 19.41 -27.32 8.78
N THR A 97 19.08 -27.75 9.98
CA THR A 97 19.45 -29.10 10.38
C THR A 97 18.58 -30.17 9.72
N SER A 98 17.36 -29.82 9.29
CA SER A 98 16.50 -30.77 8.61
C SER A 98 16.93 -31.02 7.17
N ILE A 99 17.53 -30.02 6.51
CA ILE A 99 17.88 -30.11 5.10
C ILE A 99 19.34 -30.42 4.88
N SER A 100 20.10 -30.64 5.94
CA SER A 100 21.48 -31.06 5.81
C SER A 100 21.55 -32.43 5.15
N ALA A 101 22.73 -32.74 4.61
CA ALA A 101 22.90 -34.05 3.98
C ALA A 101 22.53 -35.19 4.93
N ALA A 102 22.83 -35.05 6.22
CA ALA A 102 22.56 -36.14 7.16
C ALA A 102 21.06 -36.42 7.29
N ASN A 103 20.24 -35.37 7.29
CA ASN A 103 18.82 -35.52 7.64
C ASN A 103 17.84 -35.32 6.49
N ARG A 104 18.32 -34.89 5.33
CA ARG A 104 17.40 -34.41 4.29
C ARG A 104 16.45 -35.51 3.82
N GLN A 105 16.98 -36.70 3.55
CA GLN A 105 16.11 -37.78 3.10
C GLN A 105 15.10 -38.16 4.18
N SER A 106 15.55 -38.25 5.43
CA SER A 106 14.63 -38.53 6.53
C SER A 106 13.52 -37.49 6.62
N PHE A 107 13.87 -36.22 6.38
CA PHE A 107 12.90 -35.14 6.48
C PHE A 107 11.84 -35.25 5.39
N VAL A 108 12.27 -35.47 4.15
CA VAL A 108 11.31 -35.71 3.07
C VAL A 108 10.43 -36.89 3.42
N ASP A 109 11.04 -37.99 3.85
CA ASP A 109 10.28 -39.20 4.17
C ASP A 109 9.23 -38.91 5.24
N ALA A 110 9.61 -38.15 6.27
CA ALA A 110 8.69 -37.88 7.37
C ALA A 110 7.51 -37.03 6.90
N ILE A 111 7.78 -36.05 6.04
CA ILE A 111 6.71 -35.20 5.52
C ILE A 111 5.75 -36.04 4.69
N VAL A 112 6.29 -36.81 3.74
CA VAL A 112 5.45 -37.60 2.84
C VAL A 112 4.69 -38.66 3.62
N THR A 113 5.35 -39.32 4.58
CA THR A 113 4.67 -40.33 5.39
C THR A 113 3.45 -39.75 6.09
N GLU A 114 3.57 -38.53 6.60
CA GLU A 114 2.47 -37.92 7.34
C GLU A 114 1.33 -37.52 6.40
N MET A 115 1.68 -36.97 5.23
CA MET A 115 0.67 -36.65 4.22
C MET A 115 -0.11 -37.88 3.81
N LYS A 116 0.59 -38.99 3.54
CA LYS A 116 -0.08 -40.21 3.14
C LYS A 116 -0.95 -40.75 4.27
N ARG A 117 -0.45 -40.69 5.51
CA ARG A 117 -1.14 -41.26 6.66
C ARG A 117 -2.53 -40.68 6.80
N LEU A 118 -2.69 -39.40 6.45
CA LEU A 118 -3.95 -38.69 6.59
C LEU A 118 -4.72 -38.56 5.27
N ASN A 119 -4.21 -39.18 4.20
CA ASN A 119 -4.87 -39.15 2.89
C ASN A 119 -5.01 -37.71 2.37
N LEU A 120 -3.95 -36.91 2.56
CA LEU A 120 -3.91 -35.54 2.07
C LEU A 120 -3.42 -35.50 0.63
N HIS A 121 -3.53 -34.32 0.03
CA HIS A 121 -3.38 -34.18 -1.42
C HIS A 121 -2.06 -33.58 -1.83
N GLY A 122 -1.22 -33.18 -0.88
CA GLY A 122 0.06 -32.61 -1.21
C GLY A 122 0.63 -31.92 0.01
N VAL A 123 1.67 -31.12 -0.24
CA VAL A 123 2.44 -30.45 0.79
C VAL A 123 2.57 -28.99 0.42
N GLU A 124 2.33 -28.09 1.39
CA GLU A 124 2.59 -26.67 1.28
C GLU A 124 3.77 -26.35 2.18
N VAL A 125 4.93 -26.08 1.58
CA VAL A 125 6.14 -25.79 2.34
C VAL A 125 6.11 -24.32 2.75
N ASP A 126 6.13 -24.07 4.06
CA ASP A 126 6.16 -22.70 4.60
C ASP A 126 7.31 -22.56 5.58
N LEU A 127 8.51 -22.86 5.09
CA LEU A 127 9.73 -22.81 5.88
C LEU A 127 10.45 -21.51 5.53
N GLN A 128 10.59 -20.61 6.51
CA GLN A 128 10.99 -19.23 6.29
C GLN A 128 12.28 -18.90 7.00
N GLY A 129 13.23 -18.35 6.24
CA GLY A 129 14.49 -17.91 6.78
C GLY A 129 14.75 -16.44 6.51
N PRO A 130 14.13 -15.56 7.29
CA PRO A 130 14.34 -14.13 7.08
C PRO A 130 15.81 -13.78 7.26
N ASN A 131 16.38 -13.15 6.23
CA ASN A 131 17.79 -12.75 6.21
C ASN A 131 18.75 -13.92 6.40
N ALA A 132 18.33 -15.15 6.11
CA ALA A 132 19.11 -16.33 6.47
C ALA A 132 19.78 -17.03 5.29
N ASP A 133 19.72 -16.46 4.09
CA ASP A 133 20.26 -17.19 2.96
C ASP A 133 21.78 -17.25 3.02
N SER A 134 22.31 -18.33 2.43
CA SER A 134 23.74 -18.50 2.21
C SER A 134 23.89 -19.48 1.05
N PRO A 135 25.10 -19.61 0.50
CA PRO A 135 25.28 -20.63 -0.56
C PRO A 135 24.91 -22.03 -0.13
N THR A 136 25.29 -22.42 1.08
CA THR A 136 24.98 -23.75 1.59
C THR A 136 23.48 -23.91 1.80
N ASP A 137 22.83 -22.91 2.38
CA ASP A 137 21.40 -22.99 2.60
C ASP A 137 20.62 -23.05 1.29
N THR A 138 21.02 -22.24 0.30
CA THR A 138 20.37 -22.30 -1.01
C THR A 138 20.51 -23.68 -1.64
N GLU A 139 21.73 -24.22 -1.66
CA GLU A 139 21.93 -25.55 -2.25
C GLU A 139 21.09 -26.58 -1.52
N ASN A 140 21.19 -26.62 -0.20
CA ASN A 140 20.53 -27.68 0.55
C ASN A 140 19.02 -27.55 0.47
N PHE A 141 18.50 -26.33 0.48
CA PHE A 141 17.05 -26.16 0.43
C PHE A 141 16.50 -26.58 -0.93
N LEU A 142 17.24 -26.27 -2.00
CA LEU A 142 16.79 -26.68 -3.32
C LEU A 142 16.94 -28.20 -3.53
N LEU A 143 17.96 -28.82 -2.95
CA LEU A 143 18.04 -30.28 -3.00
C LEU A 143 16.87 -30.91 -2.26
N PHE A 144 16.50 -30.33 -1.11
CA PHE A 144 15.32 -30.77 -0.37
C PHE A 144 14.08 -30.65 -1.22
N MET A 145 13.89 -29.48 -1.85
CA MET A 145 12.67 -29.29 -2.63
C MET A 145 12.63 -30.22 -3.83
N GLU A 146 13.77 -30.51 -4.45
CA GLU A 146 13.80 -31.38 -5.63
C GLU A 146 13.44 -32.80 -5.23
N LYS A 147 13.99 -33.28 -4.10
CA LYS A 147 13.66 -34.63 -3.64
C LYS A 147 12.20 -34.73 -3.26
N LEU A 148 11.68 -33.74 -2.54
CA LEU A 148 10.27 -33.73 -2.17
C LEU A 148 9.39 -33.70 -3.43
N SER A 149 9.80 -32.89 -4.42
CA SER A 149 9.06 -32.79 -5.67
C SER A 149 9.01 -34.12 -6.41
N ASP A 150 10.17 -34.79 -6.55
CA ASP A 150 10.21 -36.06 -7.26
C ASP A 150 9.34 -37.08 -6.55
N THR A 151 9.36 -37.10 -5.22
CA THR A 151 8.60 -38.08 -4.46
C THR A 151 7.10 -37.82 -4.60
N LEU A 152 6.70 -36.55 -4.47
CA LEU A 152 5.28 -36.24 -4.60
C LEU A 152 4.79 -36.47 -6.03
N SER A 153 5.63 -36.18 -7.02
CA SER A 153 5.25 -36.43 -8.41
CA SER A 153 5.23 -36.44 -8.40
C SER A 153 4.92 -37.91 -8.63
N SER A 154 5.74 -38.81 -8.10
CA SER A 154 5.50 -40.23 -8.31
C SER A 154 4.20 -40.68 -7.63
N LEU A 155 3.71 -39.92 -6.65
CA LEU A 155 2.46 -40.20 -5.96
C LEU A 155 1.28 -39.44 -6.53
N GLY A 156 1.50 -38.58 -7.54
CA GLY A 156 0.42 -37.80 -8.08
C GLY A 156 -0.09 -36.72 -7.15
N LYS A 157 0.76 -36.20 -6.27
CA LYS A 157 0.39 -35.23 -5.25
C LYS A 157 0.95 -33.86 -5.58
N ASP A 158 0.34 -32.81 -5.02
CA ASP A 158 0.72 -31.45 -5.34
C ASP A 158 1.80 -30.96 -4.39
N LEU A 159 2.60 -30.01 -4.86
CA LEU A 159 3.64 -29.36 -4.06
C LEU A 159 3.54 -27.87 -4.29
N THR A 160 3.38 -27.12 -3.20
CA THR A 160 3.42 -25.66 -3.25
C THR A 160 4.44 -25.18 -2.23
N ILE A 161 4.97 -23.97 -2.46
CA ILE A 161 5.92 -23.38 -1.55
C ILE A 161 5.59 -21.91 -1.38
N ALA A 162 5.75 -21.41 -0.16
CA ALA A 162 5.60 -20.00 0.14
C ALA A 162 6.98 -19.37 0.27
N THR A 163 7.15 -18.19 -0.36
CA THR A 163 8.43 -17.50 -0.34
C THR A 163 8.23 -16.03 0.02
N PHE A 164 9.32 -15.40 0.45
CA PHE A 164 9.32 -13.94 0.52
C PHE A 164 9.14 -13.38 -0.89
N ALA A 165 8.58 -12.17 -0.97
CA ALA A 165 8.14 -11.60 -2.25
C ALA A 165 9.22 -10.79 -2.97
N SER A 166 10.30 -10.45 -2.29
CA SER A 166 11.40 -9.69 -2.84
C SER A 166 12.51 -10.62 -3.32
N ARG A 167 13.43 -10.07 -4.10
CA ARG A 167 14.66 -10.78 -4.43
C ARG A 167 15.91 -10.04 -4.00
N GLU A 168 15.84 -8.76 -3.67
CA GLU A 168 17.06 -7.98 -3.47
C GLU A 168 17.68 -8.17 -2.10
N TRP A 169 17.02 -8.83 -1.16
CA TRP A 169 17.56 -9.02 0.18
C TRP A 169 18.17 -10.41 0.29
N ASP A 170 18.46 -10.83 1.52
CA ASP A 170 19.13 -12.09 1.80
CA ASP A 170 19.12 -12.11 1.74
C ASP A 170 18.18 -13.11 2.42
N HIS A 171 16.91 -13.07 2.05
CA HIS A 171 15.92 -14.01 2.56
C HIS A 171 16.03 -15.36 1.86
N ILE A 172 15.61 -16.41 2.55
CA ILE A 172 15.44 -17.72 1.91
C ILE A 172 14.14 -18.34 2.41
N PRO A 173 13.31 -18.90 1.50
CA PRO A 173 13.38 -18.77 0.04
C PRO A 173 12.73 -17.45 -0.36
N ASP A 174 13.20 -16.85 -1.45
CA ASP A 174 12.63 -15.59 -1.91
C ASP A 174 12.49 -15.63 -3.43
N ALA A 175 12.12 -14.50 -4.02
CA ALA A 175 11.87 -14.49 -5.46
C ALA A 175 13.14 -14.74 -6.27
N SER A 176 14.33 -14.59 -5.69
CA SER A 176 15.54 -14.94 -6.41
C SER A 176 15.65 -16.45 -6.62
N HIS A 177 14.88 -17.24 -5.87
CA HIS A 177 14.87 -18.68 -6.03
C HIS A 177 13.76 -19.16 -6.96
N TRP A 178 12.85 -18.30 -7.40
CA TRP A 178 11.75 -18.76 -8.24
C TRP A 178 12.21 -19.47 -9.51
N PRO A 179 13.25 -19.04 -10.21
CA PRO A 179 13.62 -19.77 -11.43
C PRO A 179 13.96 -21.22 -11.15
N GLU A 180 14.52 -21.52 -9.99
CA GLU A 180 14.86 -22.89 -9.65
C GLU A 180 13.71 -23.65 -9.02
N LEU A 181 12.78 -22.94 -8.35
CA LEU A 181 11.64 -23.57 -7.69
C LEU A 181 10.50 -23.86 -8.66
N LEU A 182 10.23 -22.97 -9.61
CA LEU A 182 9.09 -23.15 -10.50
C LEU A 182 9.04 -24.52 -11.17
N PRO A 183 10.13 -25.06 -11.71
CA PRO A 183 10.04 -26.38 -12.37
C PRO A 183 9.73 -27.50 -11.40
N LEU A 184 9.89 -27.29 -10.11
CA LEU A 184 9.70 -28.34 -9.11
C LEU A 184 8.31 -28.34 -8.48
N VAL A 185 7.55 -27.26 -8.62
CA VAL A 185 6.35 -27.10 -7.83
C VAL A 185 5.14 -26.89 -8.73
N ASP A 186 3.97 -27.07 -8.14
CA ASP A 186 2.72 -26.72 -8.80
C ASP A 186 2.32 -25.28 -8.55
N GLY A 187 2.81 -24.66 -7.47
CA GLY A 187 2.49 -23.28 -7.21
C GLY A 187 3.47 -22.67 -6.25
N ILE A 188 3.67 -21.36 -6.41
CA ILE A 188 4.48 -20.56 -5.48
C ILE A 188 3.58 -19.48 -4.93
N THR A 189 3.47 -19.40 -3.60
CA THR A 189 2.78 -18.28 -2.97
C THR A 189 3.81 -17.22 -2.63
N SER A 190 3.69 -16.05 -3.26
CA SER A 190 4.54 -14.93 -2.91
C SER A 190 3.94 -14.24 -1.70
N MET A 191 4.67 -14.20 -0.59
CA MET A 191 4.12 -13.70 0.67
C MET A 191 4.28 -12.19 0.81
N GLY A 192 3.77 -11.47 -0.20
CA GLY A 192 3.94 -10.04 -0.23
C GLY A 192 2.96 -9.26 0.63
N TYR A 193 1.72 -9.71 0.63
CA TYR A 193 0.64 -9.15 1.47
C TYR A 193 0.61 -7.64 1.24
N GLU A 194 0.65 -6.81 2.28
CA GLU A 194 0.45 -5.38 2.08
C GLU A 194 1.63 -4.71 1.40
N GLU A 195 2.75 -5.41 1.17
CA GLU A 195 3.88 -4.82 0.48
C GLU A 195 3.83 -5.00 -1.04
N THR A 196 2.93 -5.82 -1.56
CA THR A 196 2.78 -6.01 -3.00
C THR A 196 1.39 -5.58 -3.43
N GLY A 197 1.30 -5.07 -4.65
CA GLY A 197 0.03 -4.58 -5.19
C GLY A 197 0.21 -4.06 -6.59
N ILE A 198 -0.93 -3.78 -7.23
CA ILE A 198 -0.92 -3.13 -8.54
C ILE A 198 0.04 -1.96 -8.56
N ASN A 199 -0.04 -1.08 -7.54
CA ASN A 199 0.66 0.19 -7.51
C ASN A 199 1.97 0.17 -6.72
N ALA A 200 2.39 -0.98 -6.23
CA ALA A 200 3.64 -1.02 -5.48
C ALA A 200 4.83 -0.81 -6.42
N THR A 201 6.02 -0.64 -5.83
CA THR A 201 7.20 -0.26 -6.58
C THR A 201 8.00 -1.45 -7.07
N GLY A 202 8.36 -1.42 -8.35
CA GLY A 202 9.39 -2.29 -8.88
C GLY A 202 9.04 -3.76 -8.78
N ASP A 203 9.96 -4.54 -8.21
CA ASP A 203 9.72 -5.98 -8.09
C ASP A 203 8.46 -6.30 -7.30
N LEU A 204 7.99 -5.38 -6.44
CA LEU A 204 6.84 -5.62 -5.59
C LEU A 204 5.52 -5.20 -6.24
N SER A 205 5.59 -4.47 -7.36
CA SER A 205 4.37 -4.31 -8.16
C SER A 205 3.92 -5.68 -8.64
N TYR A 206 2.62 -5.84 -8.86
CA TYR A 206 2.14 -7.11 -9.38
C TYR A 206 2.74 -7.42 -10.74
N ALA A 207 2.95 -6.40 -11.57
CA ALA A 207 3.62 -6.64 -12.84
C ALA A 207 5.03 -7.16 -12.61
N GLY A 208 5.72 -6.62 -11.60
CA GLY A 208 7.07 -7.10 -11.29
C GLY A 208 7.06 -8.51 -10.72
N GLN A 209 6.07 -8.81 -9.89
CA GLN A 209 5.93 -10.17 -9.37
C GLN A 209 5.77 -11.16 -10.51
N LYS A 210 4.84 -10.87 -11.43
CA LYS A 210 4.60 -11.77 -12.56
C LYS A 210 5.87 -11.90 -13.42
N SER A 211 6.59 -10.79 -13.61
CA SER A 211 7.81 -10.81 -14.40
C SER A 211 8.85 -11.74 -13.78
N MET A 212 8.97 -11.74 -12.45
CA MET A 212 9.94 -12.61 -11.80
C MET A 212 9.56 -14.08 -11.91
N ALA A 213 8.29 -14.36 -12.18
CA ALA A 213 7.78 -15.71 -12.40
C ALA A 213 7.65 -16.04 -13.87
N ALA A 214 8.39 -15.35 -14.75
CA ALA A 214 8.15 -15.44 -16.18
C ALA A 214 8.28 -16.86 -16.73
N GLY A 215 9.06 -17.73 -16.08
CA GLY A 215 9.13 -19.10 -16.55
C GLY A 215 7.79 -19.81 -16.57
N ALA A 216 6.88 -19.45 -15.67
CA ALA A 216 5.63 -20.18 -15.50
C ALA A 216 4.70 -19.32 -14.66
N PRO A 217 4.21 -18.21 -15.20
CA PRO A 217 3.45 -17.28 -14.35
C PRO A 217 2.15 -17.85 -13.84
N GLU A 218 1.59 -18.84 -14.52
CA GLU A 218 0.37 -19.49 -14.07
C GLU A 218 0.53 -20.21 -12.75
N LYS A 219 1.77 -20.45 -12.31
CA LYS A 219 2.04 -21.09 -11.03
C LYS A 219 2.16 -20.09 -9.89
N LEU A 220 2.22 -18.79 -10.19
CA LEU A 220 2.36 -17.77 -9.16
C LEU A 220 1.01 -17.49 -8.51
N MET A 221 1.01 -17.38 -7.19
CA MET A 221 -0.13 -16.91 -6.41
C MET A 221 0.30 -15.66 -5.66
N LEU A 222 -0.40 -14.55 -5.89
CA LEU A 222 -0.11 -13.32 -5.15
C LEU A 222 -0.70 -13.42 -3.75
N GLY A 223 0.13 -13.19 -2.74
CA GLY A 223 -0.30 -13.29 -1.36
C GLY A 223 -1.05 -12.06 -0.91
N MET A 224 -2.27 -12.23 -0.42
CA MET A 224 -3.11 -11.12 -0.02
C MET A 224 -3.59 -11.32 1.41
N PRO A 225 -3.72 -10.24 2.17
CA PRO A 225 -4.03 -10.34 3.61
C PRO A 225 -5.51 -10.25 3.94
N ASP A 226 -6.00 -11.17 4.77
CA ASP A 226 -7.42 -11.20 5.14
C ASP A 226 -7.83 -10.04 6.06
N HIS A 227 -6.89 -9.39 6.74
CA HIS A 227 -7.24 -8.42 7.76
C HIS A 227 -7.34 -7.02 7.22
N LEU A 228 -7.07 -6.82 5.92
CA LEU A 228 -7.15 -5.50 5.31
C LEU A 228 -8.18 -5.46 4.19
N ASP A 229 -8.81 -4.31 4.02
CA ASP A 229 -9.72 -4.11 2.89
C ASP A 229 -9.06 -3.40 1.73
N SER A 230 -7.78 -3.08 1.84
CA SER A 230 -7.09 -2.30 0.82
C SER A 230 -5.62 -2.26 1.21
N TRP A 231 -4.74 -2.09 0.24
CA TRP A 231 -3.33 -1.88 0.48
C TRP A 231 -2.73 -1.37 -0.82
N GLN A 232 -1.62 -0.64 -0.69
CA GLN A 232 -0.92 -0.11 -1.86
C GLN A 232 -1.84 0.68 -2.78
N GLY A 233 -2.84 1.36 -2.21
CA GLY A 233 -3.68 2.25 -2.99
C GLY A 233 -4.72 1.60 -3.85
N SER A 234 -5.05 0.33 -3.60
CA SER A 234 -6.13 -0.39 -4.28
C SER A 234 -6.97 -1.15 -3.27
N SER A 235 -8.24 -1.38 -3.62
CA SER A 235 -9.08 -2.21 -2.78
C SER A 235 -8.66 -3.67 -2.93
N ALA A 236 -9.03 -4.44 -1.91
CA ALA A 236 -8.80 -5.88 -1.96
C ALA A 236 -9.39 -6.49 -3.23
N LEU A 237 -10.62 -6.14 -3.56
CA LEU A 237 -11.23 -6.67 -4.77
C LEU A 237 -10.43 -6.29 -6.02
N GLN A 238 -9.95 -5.03 -6.10
CA GLN A 238 -9.16 -4.62 -7.25
C GLN A 238 -7.89 -5.45 -7.39
N GLN A 239 -7.26 -5.78 -6.26
CA GLN A 239 -6.03 -6.58 -6.32
C GLN A 239 -6.34 -7.98 -6.86
N VAL A 240 -7.43 -8.58 -6.40
CA VAL A 240 -7.90 -9.86 -6.94
C VAL A 240 -8.22 -9.74 -8.42
N GLU A 241 -8.87 -8.64 -8.83
CA GLU A 241 -9.21 -8.47 -10.23
C GLU A 241 -7.97 -8.39 -11.11
N TRP A 242 -6.88 -7.80 -10.60
CA TRP A 242 -5.64 -7.78 -11.36
C TRP A 242 -5.15 -9.19 -11.62
N ALA A 243 -5.18 -10.04 -10.59
CA ALA A 243 -4.78 -11.43 -10.79
C ALA A 243 -5.65 -12.11 -11.83
N GLN A 244 -6.96 -11.88 -11.76
CA GLN A 244 -7.88 -12.45 -12.74
C GLN A 244 -7.52 -12.02 -14.16
N ASP A 245 -7.20 -10.74 -14.35
CA ASP A 245 -6.97 -10.20 -15.69
C ASP A 245 -5.58 -10.52 -16.22
N ASN A 246 -4.67 -10.96 -15.36
CA ASN A 246 -3.28 -11.13 -15.75
C ASN A 246 -2.76 -12.55 -15.57
N GLY A 247 -3.66 -13.52 -15.39
CA GLY A 247 -3.28 -14.92 -15.54
C GLY A 247 -2.49 -15.51 -14.38
N VAL A 248 -2.61 -14.95 -13.19
CA VAL A 248 -1.96 -15.52 -12.01
C VAL A 248 -3.04 -15.86 -10.97
N GLY A 249 -2.61 -16.55 -9.92
CA GLY A 249 -3.51 -16.94 -8.85
C GLY A 249 -3.41 -16.05 -7.63
N VAL A 250 -4.06 -16.50 -6.56
CA VAL A 250 -4.19 -15.76 -5.32
C VAL A 250 -3.96 -16.69 -4.15
N ALA A 251 -3.27 -16.19 -3.13
CA ALA A 251 -3.03 -16.90 -1.88
C ALA A 251 -3.52 -16.01 -0.75
N LEU A 252 -4.58 -16.43 -0.06
CA LEU A 252 -5.20 -15.63 0.99
C LEU A 252 -4.66 -16.07 2.35
N TRP A 253 -3.87 -15.21 2.98
CA TRP A 253 -3.44 -15.42 4.37
C TRP A 253 -4.33 -14.53 5.23
N ASP A 254 -5.29 -15.05 6.01
CA ASP A 254 -5.63 -16.48 6.16
C ASP A 254 -7.14 -16.64 6.36
N MET A 255 -7.58 -17.86 6.69
CA MET A 255 -8.99 -18.20 6.74
CA MET A 255 -8.99 -18.20 6.75
C MET A 255 -9.71 -17.64 7.96
N GLN A 256 -9.04 -16.83 8.80
CA GLN A 256 -9.78 -16.10 9.81
C GLN A 256 -10.71 -15.05 9.21
N LEU A 257 -10.48 -14.63 7.96
CA LEU A 257 -11.34 -13.66 7.26
C LEU A 257 -11.71 -12.48 8.17
N ARG A 258 -10.67 -11.81 8.70
CA ARG A 258 -10.88 -10.86 9.78
C ARG A 258 -11.52 -9.56 9.30
N ASN A 259 -11.26 -9.13 8.07
CA ASN A 259 -11.84 -7.91 7.56
C ASN A 259 -13.11 -8.22 6.77
N GLU A 260 -14.13 -7.37 6.96
CA GLU A 260 -15.40 -7.57 6.28
C GLU A 260 -15.27 -7.62 4.76
N ALA A 261 -14.25 -6.98 4.18
CA ALA A 261 -14.08 -7.06 2.74
C ALA A 261 -13.89 -8.49 2.25
N TRP A 262 -13.34 -9.36 3.08
CA TRP A 262 -13.15 -10.76 2.73
C TRP A 262 -14.35 -11.62 3.14
N GLN A 263 -15.41 -10.99 3.64
CA GLN A 263 -16.66 -11.69 3.89
CA GLN A 263 -16.68 -11.63 3.95
C GLN A 263 -17.77 -11.14 3.00
N ARG A 264 -17.40 -10.81 1.78
CA ARG A 264 -18.31 -10.28 0.78
C ARG A 264 -18.39 -11.22 -0.40
N ARG A 265 -19.56 -11.23 -1.02
CA ARG A 265 -19.80 -12.11 -2.15
C ARG A 265 -18.88 -11.76 -3.32
N ASP A 266 -18.65 -10.47 -3.56
CA ASP A 266 -17.95 -10.07 -4.77
C ASP A 266 -16.55 -10.67 -4.88
N ILE A 267 -15.80 -10.65 -3.79
CA ILE A 267 -14.41 -11.10 -3.87
C ILE A 267 -14.36 -12.62 -3.97
N TRP A 268 -15.30 -13.32 -3.34
CA TRP A 268 -15.36 -14.78 -3.48
C TRP A 268 -15.83 -15.19 -4.88
N LYS A 269 -16.72 -14.41 -5.50
CA LYS A 269 -17.07 -14.68 -6.88
CA LYS A 269 -17.07 -14.68 -6.88
C LYS A 269 -15.86 -14.53 -7.78
N ALA A 270 -15.07 -13.45 -7.59
CA ALA A 270 -13.87 -13.27 -8.39
C ALA A 270 -12.89 -14.40 -8.19
N LEU A 271 -12.68 -14.83 -6.94
CA LEU A 271 -11.78 -15.96 -6.68
C LEU A 271 -12.30 -17.24 -7.33
N SER A 272 -13.61 -17.47 -7.29
CA SER A 272 -14.20 -18.63 -7.94
CA SER A 272 -14.18 -18.64 -7.94
C SER A 272 -13.91 -18.62 -9.44
N GLU A 273 -13.94 -17.44 -10.06
CA GLU A 273 -13.71 -17.34 -11.49
C GLU A 273 -12.23 -17.54 -11.81
N ILE A 274 -11.34 -17.05 -10.95
CA ILE A 274 -9.91 -17.33 -11.10
C ILE A 274 -9.66 -18.82 -10.98
N ARG A 275 -10.29 -19.46 -10.00
CA ARG A 275 -10.07 -20.88 -9.74
C ARG A 275 -10.58 -21.75 -10.89
N GLY A 276 -11.80 -21.48 -11.35
CA GLY A 276 -12.45 -22.33 -12.30
C GLY A 276 -12.99 -23.60 -11.65
N PRO A 277 -13.66 -24.43 -12.44
CA PRO A 277 -14.25 -25.65 -11.90
C PRO A 277 -13.19 -26.68 -11.54
N LEU A 278 -13.52 -27.53 -10.57
CA LEU A 278 -12.62 -28.58 -10.13
C LEU A 278 -13.17 -29.95 -10.54
N MET B 1 -7.61 31.18 -0.48
CA MET B 1 -6.24 30.83 -0.94
C MET B 1 -6.26 30.15 -2.31
N VAL B 2 -5.24 30.37 -3.14
CA VAL B 2 -5.05 29.64 -4.39
C VAL B 2 -3.61 29.13 -4.40
N ILE B 3 -3.44 27.80 -4.39
CA ILE B 3 -2.12 27.20 -4.34
C ILE B 3 -1.90 26.32 -5.56
N SER B 4 -0.63 26.14 -5.93
CA SER B 4 -0.24 25.11 -6.87
C SER B 4 1.09 24.52 -6.41
N TRP B 5 1.43 23.35 -6.94
CA TRP B 5 2.63 22.62 -6.58
C TRP B 5 3.55 22.49 -7.78
N ILE B 6 4.84 22.37 -7.48
CA ILE B 6 5.87 21.97 -8.44
C ILE B 6 6.36 20.59 -8.03
N PRO B 7 6.05 19.53 -8.77
CA PRO B 7 6.58 18.22 -8.41
C PRO B 7 8.06 18.15 -8.71
N PRO B 8 8.76 17.14 -8.18
CA PRO B 8 10.22 17.06 -8.28
C PRO B 8 10.74 16.42 -9.56
N TYR B 9 9.88 16.20 -10.55
CA TYR B 9 10.23 15.74 -11.88
C TYR B 9 9.66 16.73 -12.88
N ASN B 10 10.25 16.76 -14.09
CA ASN B 10 9.83 17.69 -15.14
C ASN B 10 9.90 19.15 -14.66
N VAL B 11 10.85 19.46 -13.78
CA VAL B 11 10.90 20.79 -13.18
C VAL B 11 11.12 21.93 -14.18
N PRO B 12 11.94 21.79 -15.22
CA PRO B 12 12.09 22.90 -16.18
C PRO B 12 10.77 23.39 -16.76
N VAL B 13 9.84 22.46 -17.03
CA VAL B 13 8.52 22.84 -17.55
C VAL B 13 7.74 23.66 -16.53
N SER B 14 7.68 23.22 -15.28
CA SER B 14 6.99 23.97 -14.25
C SER B 14 7.59 25.36 -14.08
N PHE B 15 8.93 25.43 -14.06
CA PHE B 15 9.58 26.73 -13.89
C PHE B 15 9.22 27.68 -15.03
N GLU B 16 9.20 27.17 -16.27
CA GLU B 16 8.82 28.03 -17.38
C GLU B 16 7.38 28.49 -17.24
N ASN B 17 6.51 27.62 -16.72
CA ASN B 17 5.10 27.98 -16.62
C ASN B 17 4.86 29.08 -15.59
N LEU B 18 5.70 29.17 -14.55
CA LEU B 18 5.51 30.22 -13.55
C LEU B 18 5.49 31.60 -14.19
N GLU B 19 6.24 31.81 -15.25
CA GLU B 19 6.37 33.13 -15.86
C GLU B 19 5.45 33.34 -17.04
N LYS B 20 4.58 32.39 -17.36
CA LYS B 20 3.72 32.53 -18.53
C LYS B 20 2.55 33.46 -18.23
N SER B 21 2.14 34.17 -19.28
CA SER B 21 0.95 35.00 -19.24
C SER B 21 0.12 34.63 -20.45
N PHE B 22 -1.12 34.21 -20.22
CA PHE B 22 -2.02 33.76 -21.29
C PHE B 22 -2.99 34.90 -21.55
N ASP B 23 -2.75 35.62 -22.63
CA ASP B 23 -3.51 36.83 -22.95
C ASP B 23 -3.68 37.72 -21.72
N GLY B 24 -2.60 37.89 -20.96
CA GLY B 24 -2.54 38.84 -19.87
C GLY B 24 -2.69 38.27 -18.47
N TYR B 25 -3.11 37.02 -18.33
CA TYR B 25 -3.28 36.41 -17.02
C TYR B 25 -2.54 35.09 -16.93
N GLY B 26 -1.90 34.84 -15.79
CA GLY B 26 -1.22 33.58 -15.58
C GLY B 26 -0.95 33.35 -14.12
N PRO B 27 -0.03 32.40 -13.82
CA PRO B 27 0.27 32.05 -12.42
C PRO B 27 0.59 33.22 -11.50
N ALA B 28 1.33 34.24 -11.98
CA ALA B 28 1.66 35.38 -11.13
C ALA B 28 0.40 36.13 -10.68
N ASP B 29 -0.69 36.05 -11.45
CA ASP B 29 -1.94 36.71 -11.11
C ASP B 29 -2.88 35.83 -10.33
N GLY B 30 -2.78 34.51 -10.48
CA GLY B 30 -3.76 33.60 -9.93
C GLY B 30 -3.38 32.96 -8.61
N LEU B 31 -2.08 32.74 -8.38
CA LEU B 31 -1.64 32.03 -7.17
C LEU B 31 -1.38 32.97 -6.00
N SER B 32 -1.78 32.56 -4.79
CA SER B 32 -1.27 33.19 -3.58
C SER B 32 -0.09 32.41 -3.00
N HIS B 33 0.01 31.13 -3.32
CA HIS B 33 1.01 30.24 -2.73
C HIS B 33 1.52 29.29 -3.80
N ILE B 34 2.80 28.94 -3.71
CA ILE B 34 3.43 27.99 -4.62
C ILE B 34 4.24 27.02 -3.77
N ALA B 35 4.14 25.72 -4.07
CA ALA B 35 4.63 24.67 -3.17
C ALA B 35 5.53 23.67 -3.89
N PRO B 36 6.84 23.85 -3.85
CA PRO B 36 7.75 22.82 -4.40
C PRO B 36 7.72 21.57 -3.53
N GLN B 37 7.32 20.46 -4.15
CA GLN B 37 7.23 19.15 -3.48
C GLN B 37 8.60 18.46 -3.55
N PHE B 38 9.55 19.06 -2.84
CA PHE B 38 10.97 18.71 -2.99
C PHE B 38 11.56 18.02 -1.77
N TRP B 39 10.80 17.84 -0.69
CA TRP B 39 11.33 17.30 0.56
C TRP B 39 10.53 16.08 0.99
N VAL B 40 11.22 15.22 1.75
CA VAL B 40 10.65 13.99 2.28
C VAL B 40 11.09 13.79 3.73
N PRO B 41 10.34 13.00 4.51
CA PRO B 41 10.87 12.57 5.82
C PRO B 41 11.98 11.56 5.60
N ASP B 42 12.97 11.59 6.50
CA ASP B 42 13.95 10.50 6.50
C ASP B 42 13.48 9.32 7.34
N GLY B 43 12.41 9.46 8.10
CA GLY B 43 11.87 8.39 8.90
C GLY B 43 12.38 8.34 10.32
N ASN B 44 13.43 9.10 10.62
CA ASN B 44 14.07 9.10 11.93
C ASN B 44 13.89 10.40 12.68
N GLY B 45 13.02 11.29 12.19
CA GLY B 45 12.82 12.58 12.81
C GLY B 45 13.42 13.73 12.05
N GLY B 46 14.04 13.47 10.90
CA GLY B 46 14.55 14.54 10.06
C GLY B 46 13.92 14.60 8.68
N ILE B 47 14.48 15.45 7.81
CA ILE B 47 13.95 15.73 6.48
C ILE B 47 15.12 15.69 5.51
N SER B 48 14.82 15.42 4.25
CA SER B 48 15.81 15.42 3.18
C SER B 48 15.17 15.96 1.91
N TYR B 49 16.00 16.53 1.03
CA TYR B 49 15.56 16.72 -0.34
C TYR B 49 15.30 15.36 -1.00
N VAL B 50 14.45 15.37 -2.01
CA VAL B 50 14.38 14.26 -2.96
C VAL B 50 15.78 13.95 -3.48
N THR B 51 16.09 12.65 -3.62
CA THR B 51 17.39 12.19 -4.09
C THR B 51 17.34 11.21 -5.27
N ARG B 52 16.15 10.77 -5.70
CA ARG B 52 16.03 9.85 -6.85
C ARG B 52 16.72 10.39 -8.08
N ASP B 53 17.65 9.61 -8.63
CA ASP B 53 18.47 10.13 -9.73
C ASP B 53 17.70 10.25 -11.04
N ASP B 54 16.51 9.69 -11.16
CA ASP B 54 15.71 9.84 -12.37
C ASP B 54 14.68 10.98 -12.27
N TYR B 55 14.65 11.69 -11.15
CA TYR B 55 13.87 12.92 -11.02
C TYR B 55 14.75 14.11 -11.44
N SER B 56 14.27 15.35 -11.23
CA SER B 56 15.00 16.54 -11.68
C SER B 56 16.05 16.92 -10.65
N MET B 57 17.10 16.09 -10.56
CA MET B 57 18.08 16.25 -9.49
C MET B 57 18.84 17.58 -9.60
N ASP B 58 18.97 18.13 -10.80
CA ASP B 58 19.60 19.43 -10.98
C ASP B 58 18.82 20.56 -10.33
N TYR B 59 17.58 20.30 -9.90
CA TYR B 59 16.74 21.30 -9.24
C TYR B 59 16.49 20.99 -7.78
N MET B 60 16.99 19.86 -7.26
CA MET B 60 16.75 19.53 -5.85
C MET B 60 17.85 20.15 -4.99
N ASN B 61 17.80 21.48 -4.89
CA ASN B 61 18.87 22.22 -4.24
C ASN B 61 18.38 23.61 -3.87
N ASP B 62 19.18 24.26 -3.02
CA ASP B 62 18.78 25.54 -2.43
C ASP B 62 18.63 26.63 -3.48
N ASP B 63 19.56 26.69 -4.44
CA ASP B 63 19.49 27.74 -5.45
C ASP B 63 18.20 27.65 -6.25
N SER B 64 17.77 26.44 -6.61
CA SER B 64 16.54 26.29 -7.37
C SER B 64 15.32 26.65 -6.54
N VAL B 65 15.31 26.27 -5.25
CA VAL B 65 14.22 26.68 -4.38
C VAL B 65 14.16 28.20 -4.29
N LYS B 66 15.31 28.86 -4.20
CA LYS B 66 15.34 30.30 -4.10
C LYS B 66 14.88 30.97 -5.40
N VAL B 67 15.05 30.31 -6.55
CA VAL B 67 14.46 30.81 -7.81
C VAL B 67 12.95 30.93 -7.67
N ILE B 68 12.31 29.91 -7.10
CA ILE B 68 10.86 29.94 -6.88
C ILE B 68 10.51 31.05 -5.90
N ARG B 69 11.21 31.08 -4.77
CA ARG B 69 10.98 32.06 -3.72
C ARG B 69 11.11 33.49 -4.26
N ASP B 70 12.17 33.74 -5.03
CA ASP B 70 12.42 35.09 -5.54
C ASP B 70 11.37 35.46 -6.58
N TRP B 71 10.93 34.48 -7.39
CA TRP B 71 9.85 34.74 -8.33
C TRP B 71 8.61 35.21 -7.60
N GLY B 72 8.23 34.47 -6.55
CA GLY B 72 7.01 34.80 -5.84
C GLY B 72 7.11 36.10 -5.08
N ASN B 73 8.31 36.40 -4.54
CA ASN B 73 8.49 37.61 -3.76
C ASN B 73 8.21 38.86 -4.59
N GLN B 74 8.35 38.79 -5.92
CA GLN B 74 8.06 39.94 -6.77
C GLN B 74 6.59 40.35 -6.67
N TYR B 75 5.74 39.41 -6.33
CA TYR B 75 4.28 39.57 -6.39
C TYR B 75 3.61 39.44 -5.04
N GLY B 76 4.35 39.14 -3.98
CA GLY B 76 3.75 38.84 -2.70
C GLY B 76 3.24 37.42 -2.58
N ILE B 77 3.61 36.55 -3.51
CA ILE B 77 3.25 35.15 -3.49
C ILE B 77 4.18 34.43 -2.51
N LYS B 78 3.62 33.51 -1.74
CA LYS B 78 4.34 32.81 -0.68
C LYS B 78 4.79 31.44 -1.18
N THR B 79 6.07 31.14 -0.96
CA THR B 79 6.62 29.83 -1.30
C THR B 79 6.61 28.95 -0.06
N MET B 80 6.01 27.77 -0.21
CA MET B 80 5.77 26.85 0.88
C MET B 80 6.68 25.65 0.73
N LEU B 81 7.34 25.26 1.81
CA LEU B 81 8.07 24.00 1.83
C LEU B 81 7.05 22.87 1.81
N CYS B 82 7.03 22.10 0.74
CA CYS B 82 6.11 20.97 0.65
C CYS B 82 6.88 19.69 0.95
N ILE B 83 6.49 19.03 2.03
CA ILE B 83 7.07 17.76 2.43
C ILE B 83 6.06 16.65 2.11
N TYR B 84 6.53 15.64 1.41
CA TYR B 84 5.67 14.54 0.99
C TYR B 84 6.37 13.22 1.23
N ASN B 85 5.60 12.14 1.17
CA ASN B 85 6.10 10.80 1.42
C ASN B 85 5.85 9.86 0.25
N GLY B 86 5.95 10.39 -0.97
CA GLY B 86 5.70 9.64 -2.17
C GLY B 86 6.87 9.45 -3.11
N GLU B 87 8.09 9.68 -2.65
CA GLU B 87 9.26 9.63 -3.53
C GLU B 87 9.37 8.29 -4.23
N HIS B 88 9.18 7.19 -3.50
CA HIS B 88 9.21 5.84 -4.06
C HIS B 88 7.86 5.15 -3.86
N GLY B 89 6.79 5.87 -4.15
CA GLY B 89 5.45 5.44 -3.83
C GLY B 89 5.05 5.90 -2.45
N TRP B 90 3.75 5.85 -2.16
CA TRP B 90 3.23 6.44 -0.94
C TRP B 90 3.56 5.52 0.23
N ASP B 91 4.42 6.00 1.13
CA ASP B 91 5.01 5.19 2.19
C ASP B 91 4.65 5.81 3.53
N TRP B 92 3.55 5.33 4.13
CA TRP B 92 3.12 5.87 5.41
C TRP B 92 4.10 5.54 6.53
N SER B 93 4.86 4.46 6.42
CA SER B 93 5.79 4.12 7.50
C SER B 93 6.79 5.24 7.75
N LEU B 94 7.20 5.98 6.71
CA LEU B 94 8.09 7.12 6.90
C LEU B 94 7.45 8.16 7.79
N VAL B 95 6.13 8.31 7.71
CA VAL B 95 5.41 9.28 8.51
C VAL B 95 5.14 8.75 9.91
N SER B 96 4.72 7.48 10.01
CA SER B 96 4.39 6.90 11.31
CA SER B 96 4.37 6.95 11.32
C SER B 96 5.56 7.00 12.28
N THR B 97 6.77 6.69 11.80
CA THR B 97 7.93 6.78 12.69
C THR B 97 8.35 8.22 12.96
N SER B 98 8.00 9.16 12.08
CA SER B 98 8.32 10.57 12.30
C SER B 98 7.41 11.22 13.34
N ILE B 99 6.16 10.76 13.45
CA ILE B 99 5.17 11.38 14.32
C ILE B 99 5.01 10.65 15.63
N SER B 100 5.78 9.59 15.86
CA SER B 100 5.82 8.90 17.13
C SER B 100 6.28 9.85 18.24
N ALA B 101 5.96 9.48 19.49
CA ALA B 101 6.36 10.34 20.60
C ALA B 101 7.87 10.56 20.63
N ALA B 102 8.66 9.57 20.22
CA ALA B 102 10.12 9.70 20.28
C ALA B 102 10.63 10.75 19.29
N ASN B 103 10.02 10.86 18.12
CA ASN B 103 10.58 11.66 17.02
C ASN B 103 9.78 12.90 16.67
N ARG B 104 8.58 13.09 17.23
CA ARG B 104 7.67 14.12 16.73
C ARG B 104 8.25 15.52 16.87
N GLN B 105 8.79 15.84 18.03
CA GLN B 105 9.36 17.17 18.24
C GLN B 105 10.53 17.42 17.30
N SER B 106 11.40 16.42 17.13
CA SER B 106 12.53 16.56 16.21
CA SER B 106 12.53 16.59 16.22
C SER B 106 12.06 16.77 14.78
N PHE B 107 10.97 16.10 14.38
CA PHE B 107 10.45 16.20 13.02
C PHE B 107 9.90 17.59 12.76
N VAL B 108 9.10 18.12 13.69
CA VAL B 108 8.67 19.52 13.60
C VAL B 108 9.86 20.44 13.48
N ASP B 109 10.83 20.27 14.36
CA ASP B 109 12.02 21.13 14.36
C ASP B 109 12.72 21.07 13.02
N ALA B 110 12.86 19.86 12.46
CA ALA B 110 13.56 19.69 11.20
C ALA B 110 12.85 20.41 10.05
N ILE B 111 11.52 20.31 10.02
CA ILE B 111 10.75 20.97 8.97
C ILE B 111 10.88 22.48 9.10
N VAL B 112 10.67 23.00 10.30
CA VAL B 112 10.71 24.44 10.50
C VAL B 112 12.11 24.98 10.25
N THR B 113 13.14 24.23 10.68
CA THR B 113 14.52 24.66 10.43
C THR B 113 14.80 24.84 8.95
N GLU B 114 14.34 23.89 8.12
CA GLU B 114 14.60 23.95 6.69
C GLU B 114 13.84 25.10 6.06
N MET B 115 12.60 25.33 6.49
CA MET B 115 11.83 26.46 5.98
C MET B 115 12.53 27.77 6.29
N LYS B 116 12.98 27.95 7.55
CA LYS B 116 13.66 29.18 7.94
C LYS B 116 14.95 29.36 7.18
N ARG B 117 15.70 28.27 6.99
CA ARG B 117 17.02 28.31 6.36
C ARG B 117 16.94 28.95 4.98
N LEU B 118 15.85 28.70 4.26
CA LEU B 118 15.67 29.16 2.89
C LEU B 118 14.80 30.41 2.80
N ASN B 119 14.39 30.97 3.94
CA ASN B 119 13.54 32.17 3.98
C ASN B 119 12.22 31.94 3.27
N LEU B 120 11.64 30.77 3.48
CA LEU B 120 10.34 30.43 2.92
C LEU B 120 9.21 30.92 3.83
N HIS B 121 7.99 30.82 3.33
CA HIS B 121 6.85 31.50 3.94
C HIS B 121 5.92 30.59 4.69
N GLY B 122 6.18 29.29 4.70
CA GLY B 122 5.31 28.36 5.38
C GLY B 122 5.62 26.95 4.93
N VAL B 123 4.73 26.05 5.33
CA VAL B 123 4.86 24.62 5.09
C VAL B 123 3.54 24.12 4.51
N GLU B 124 3.64 23.32 3.45
CA GLU B 124 2.53 22.58 2.87
C GLU B 124 2.76 21.11 3.19
N VAL B 125 1.99 20.57 4.13
CA VAL B 125 2.12 19.17 4.50
C VAL B 125 1.39 18.31 3.47
N ASP B 126 2.13 17.42 2.79
CA ASP B 126 1.55 16.47 1.83
C ASP B 126 1.99 15.05 2.20
N LEU B 127 1.63 14.66 3.42
CA LEU B 127 1.94 13.33 3.97
C LEU B 127 0.68 12.48 3.85
N GLN B 128 0.74 11.44 3.04
CA GLN B 128 -0.43 10.67 2.63
C GLN B 128 -0.35 9.22 3.08
N GLY B 129 -1.42 8.75 3.73
CA GLY B 129 -1.56 7.37 4.16
C GLY B 129 -2.82 6.75 3.59
N PRO B 130 -2.77 6.27 2.35
CA PRO B 130 -3.96 5.64 1.76
C PRO B 130 -4.39 4.45 2.58
N ASN B 131 -5.64 4.52 3.05
CA ASN B 131 -6.26 3.51 3.89
C ASN B 131 -5.41 3.15 5.12
N ALA B 132 -4.61 4.09 5.61
CA ALA B 132 -3.65 3.81 6.67
C ALA B 132 -4.06 4.32 8.04
N ASP B 133 -5.24 4.90 8.19
CA ASP B 133 -5.61 5.47 9.47
C ASP B 133 -5.80 4.40 10.55
N SER B 134 -5.59 4.84 11.78
CA SER B 134 -5.83 4.07 12.99
C SER B 134 -5.99 5.06 14.13
N PRO B 135 -6.52 4.63 15.27
CA PRO B 135 -6.60 5.55 16.42
C PRO B 135 -5.27 6.15 16.79
N THR B 136 -4.21 5.34 16.83
CA THR B 136 -2.88 5.85 17.14
C THR B 136 -2.38 6.84 16.09
N ASP B 137 -2.58 6.51 14.81
CA ASP B 137 -2.10 7.38 13.74
C ASP B 137 -2.84 8.72 13.74
N THR B 138 -4.18 8.70 13.91
CA THR B 138 -4.90 9.95 14.03
C THR B 138 -4.37 10.78 15.20
N GLU B 139 -4.22 10.16 16.37
CA GLU B 139 -3.78 10.92 17.55
C GLU B 139 -2.41 11.54 17.28
N ASN B 140 -1.47 10.73 16.83
CA ASN B 140 -0.10 11.21 16.67
C ASN B 140 -0.01 12.25 15.56
N PHE B 141 -0.74 12.05 14.47
CA PHE B 141 -0.67 13.00 13.37
C PHE B 141 -1.24 14.34 13.78
N LEU B 142 -2.32 14.34 14.57
CA LEU B 142 -2.88 15.59 15.02
C LEU B 142 -2.00 16.27 16.07
N LEU B 143 -1.36 15.49 16.96
CA LEU B 143 -0.39 16.11 17.88
C LEU B 143 0.77 16.73 17.11
N PHE B 144 1.21 16.06 16.05
CA PHE B 144 2.23 16.62 15.16
C PHE B 144 1.75 17.94 14.55
N MET B 145 0.53 17.95 13.99
CA MET B 145 0.04 19.16 13.34
C MET B 145 -0.16 20.28 14.34
N GLU B 146 -0.59 19.97 15.56
CA GLU B 146 -0.76 20.99 16.58
C GLU B 146 0.57 21.64 16.93
N LYS B 147 1.61 20.83 17.12
CA LYS B 147 2.92 21.38 17.44
C LYS B 147 3.48 22.18 16.27
N LEU B 148 3.34 21.66 15.05
CA LEU B 148 3.81 22.40 13.87
C LEU B 148 3.05 23.72 13.74
N SER B 149 1.74 23.68 13.96
CA SER B 149 0.90 24.88 13.90
C SER B 149 1.35 25.92 14.92
N ASP B 150 1.51 25.51 16.19
CA ASP B 150 1.92 26.47 17.20
C ASP B 150 3.28 27.08 16.86
N THR B 151 4.21 26.27 16.35
CA THR B 151 5.54 26.78 16.03
C THR B 151 5.48 27.77 14.87
N LEU B 152 4.76 27.42 13.80
CA LEU B 152 4.69 28.32 12.65
C LEU B 152 3.94 29.61 12.99
N SER B 153 2.91 29.52 13.84
CA SER B 153 2.17 30.70 14.23
C SER B 153 3.08 31.70 14.94
N SER B 154 3.97 31.20 15.81
CA SER B 154 4.87 32.08 16.52
CA SER B 154 4.88 32.07 16.52
C SER B 154 5.85 32.79 15.58
N LEU B 155 6.09 32.21 14.40
CA LEU B 155 6.96 32.79 13.39
C LEU B 155 6.19 33.59 12.36
N GLY B 156 4.86 33.63 12.46
CA GLY B 156 4.07 34.33 11.46
C GLY B 156 4.06 33.68 10.09
N LYS B 157 4.22 32.35 10.04
CA LYS B 157 4.33 31.60 8.81
C LYS B 157 3.07 30.81 8.56
N ASP B 158 2.78 30.52 7.29
CA ASP B 158 1.55 29.84 6.92
C ASP B 158 1.71 28.32 7.04
N LEU B 159 0.58 27.66 7.29
CA LEU B 159 0.54 26.20 7.36
C LEU B 159 -0.65 25.72 6.54
N THR B 160 -0.38 24.86 5.56
CA THR B 160 -1.43 24.23 4.77
C THR B 160 -1.23 22.73 4.83
N ILE B 161 -2.31 22.00 4.62
CA ILE B 161 -2.25 20.54 4.60
C ILE B 161 -3.10 20.01 3.46
N ALA B 162 -2.60 18.99 2.79
CA ALA B 162 -3.31 18.29 1.74
C ALA B 162 -3.92 17.01 2.30
N THR B 163 -5.17 16.76 1.96
CA THR B 163 -5.87 15.57 2.47
C THR B 163 -6.62 14.86 1.37
N PHE B 164 -6.93 13.60 1.61
CA PHE B 164 -7.88 12.90 0.76
C PHE B 164 -9.25 13.59 0.89
N ALA B 165 -10.08 13.48 -0.16
CA ALA B 165 -11.31 14.28 -0.25
C ALA B 165 -12.52 13.61 0.35
N SER B 166 -12.44 12.33 0.65
CA SER B 166 -13.52 11.56 1.25
C SER B 166 -13.36 11.50 2.76
N ARG B 167 -14.41 11.01 3.43
CA ARG B 167 -14.33 10.71 4.84
C ARG B 167 -14.76 9.30 5.18
N GLU B 168 -15.31 8.55 4.25
CA GLU B 168 -15.88 7.25 4.58
C GLU B 168 -14.88 6.11 4.54
N TRP B 169 -13.69 6.32 4.02
CA TRP B 169 -12.68 5.30 4.00
C TRP B 169 -11.76 5.57 5.18
N ASP B 170 -10.70 4.81 5.28
CA ASP B 170 -9.75 4.95 6.38
C ASP B 170 -8.49 5.67 5.92
N HIS B 171 -8.61 6.65 5.03
CA HIS B 171 -7.46 7.42 4.59
C HIS B 171 -7.01 8.36 5.70
N ILE B 172 -5.72 8.66 5.71
CA ILE B 172 -5.20 9.67 6.62
C ILE B 172 -4.20 10.57 5.90
N PRO B 173 -4.33 11.91 6.04
CA PRO B 173 -5.48 12.63 6.59
C PRO B 173 -6.58 12.70 5.53
N ASP B 174 -7.82 12.75 5.97
CA ASP B 174 -8.95 12.84 5.05
C ASP B 174 -9.95 13.86 5.59
N ALA B 175 -11.10 13.94 4.95
CA ALA B 175 -12.09 14.93 5.35
C ALA B 175 -12.66 14.67 6.74
N SER B 176 -12.55 13.44 7.26
CA SER B 176 -12.96 13.18 8.63
C SER B 176 -12.09 13.93 9.62
N HIS B 177 -10.89 14.33 9.22
CA HIS B 177 -9.99 15.09 10.08
C HIS B 177 -10.14 16.60 9.93
N TRP B 178 -10.93 17.08 8.97
CA TRP B 178 -11.03 18.51 8.78
C TRP B 178 -11.49 19.27 10.01
N PRO B 179 -12.47 18.82 10.79
CA PRO B 179 -12.85 19.60 11.98
C PRO B 179 -11.71 19.81 12.93
N GLU B 180 -10.81 18.84 13.02
CA GLU B 180 -9.68 18.95 13.94
C GLU B 180 -8.53 19.75 13.32
N LEU B 181 -8.39 19.72 12.00
CA LEU B 181 -7.30 20.40 11.29
C LEU B 181 -7.60 21.87 11.03
N LEU B 182 -8.84 22.20 10.68
CA LEU B 182 -9.16 23.57 10.33
C LEU B 182 -8.65 24.59 11.34
N PRO B 183 -8.84 24.41 12.65
CA PRO B 183 -8.37 25.42 13.63
C PRO B 183 -6.86 25.56 13.65
N LEU B 184 -6.13 24.58 13.13
CA LEU B 184 -4.67 24.54 13.19
C LEU B 184 -4.00 25.11 11.96
N VAL B 185 -4.73 25.28 10.85
CA VAL B 185 -4.10 25.58 9.58
C VAL B 185 -4.69 26.84 8.97
N ASP B 186 -3.96 27.39 8.01
CA ASP B 186 -4.47 28.46 7.18
C ASP B 186 -5.23 27.95 5.98
N GLY B 187 -5.00 26.71 5.55
CA GLY B 187 -5.65 26.15 4.37
C GLY B 187 -5.60 24.64 4.37
N ILE B 188 -6.64 24.04 3.83
CA ILE B 188 -6.71 22.61 3.57
C ILE B 188 -6.94 22.44 2.08
N THR B 189 -6.06 21.69 1.42
CA THR B 189 -6.26 21.35 0.02
C THR B 189 -6.91 19.97 -0.01
N SER B 190 -8.14 19.91 -0.51
CA SER B 190 -8.81 18.63 -0.69
C SER B 190 -8.36 18.05 -2.02
N MET B 191 -7.71 16.89 -1.99
CA MET B 191 -7.11 16.32 -3.19
C MET B 191 -8.09 15.43 -3.96
N GLY B 192 -9.26 16.00 -4.29
CA GLY B 192 -10.29 15.26 -4.98
C GLY B 192 -10.07 15.10 -6.47
N TYR B 193 -9.55 16.14 -7.12
CA TYR B 193 -9.21 16.16 -8.54
C TYR B 193 -10.41 15.66 -9.33
N GLU B 194 -10.26 14.67 -10.21
CA GLU B 194 -11.37 14.28 -11.07
C GLU B 194 -12.52 13.61 -10.32
N GLU B 195 -12.35 13.24 -9.05
CA GLU B 195 -13.40 12.61 -8.28
C GLU B 195 -14.33 13.59 -7.59
N THR B 196 -14.00 14.88 -7.55
CA THR B 196 -14.86 15.90 -6.96
C THR B 196 -15.24 16.92 -8.03
N GLY B 197 -16.46 17.44 -7.92
CA GLY B 197 -16.91 18.44 -8.88
C GLY B 197 -18.31 18.90 -8.49
N ILE B 198 -18.78 19.92 -9.22
CA ILE B 198 -20.14 20.41 -9.02
C ILE B 198 -21.11 19.24 -8.99
N ASN B 199 -21.00 18.34 -9.96
CA ASN B 199 -22.01 17.30 -10.20
C ASN B 199 -21.64 15.96 -9.57
N ALA B 200 -20.55 15.87 -8.81
CA ALA B 200 -20.21 14.61 -8.16
C ALA B 200 -21.23 14.27 -7.07
N THR B 201 -21.13 13.07 -6.51
CA THR B 201 -22.13 12.56 -5.57
C THR B 201 -21.78 12.83 -4.12
N GLY B 202 -22.76 13.31 -3.36
CA GLY B 202 -22.65 13.30 -1.91
C GLY B 202 -21.49 14.13 -1.39
N ASP B 203 -20.66 13.51 -0.55
CA ASP B 203 -19.55 14.23 0.04
C ASP B 203 -18.57 14.73 -1.01
N LEU B 204 -18.55 14.14 -2.21
CA LEU B 204 -17.60 14.51 -3.24
C LEU B 204 -18.15 15.59 -4.16
N SER B 205 -19.44 15.90 -4.09
CA SER B 205 -19.89 17.12 -4.73
C SER B 205 -19.20 18.31 -4.08
N TYR B 206 -19.06 19.40 -4.82
CA TYR B 206 -18.45 20.58 -4.23
C TYR B 206 -19.27 21.11 -3.06
N ALA B 207 -20.61 21.05 -3.16
CA ALA B 207 -21.43 21.42 -2.01
C ALA B 207 -21.13 20.54 -0.81
N GLY B 208 -20.92 19.24 -1.06
CA GLY B 208 -20.58 18.32 0.02
C GLY B 208 -19.20 18.61 0.61
N GLN B 209 -18.25 18.95 -0.24
CA GLN B 209 -16.93 19.33 0.23
C GLN B 209 -17.01 20.55 1.14
N LYS B 210 -17.69 21.60 0.67
CA LYS B 210 -17.83 22.80 1.49
C LYS B 210 -18.52 22.48 2.80
N SER B 211 -19.56 21.62 2.78
CA SER B 211 -20.27 21.25 3.98
C SER B 211 -19.35 20.60 5.01
N MET B 212 -18.43 19.76 4.55
CA MET B 212 -17.53 19.12 5.50
C MET B 212 -16.54 20.10 6.09
N ALA B 213 -16.33 21.24 5.45
CA ALA B 213 -15.49 22.31 5.97
C ALA B 213 -16.30 23.43 6.61
N ALA B 214 -17.52 23.14 7.05
CA ALA B 214 -18.44 24.20 7.48
C ALA B 214 -17.88 25.07 8.59
N GLY B 215 -16.97 24.55 9.42
CA GLY B 215 -16.37 25.39 10.45
C GLY B 215 -15.61 26.61 9.92
N ALA B 216 -15.06 26.51 8.72
CA ALA B 216 -14.18 27.54 8.18
C ALA B 216 -14.01 27.33 6.69
N PRO B 217 -15.09 27.48 5.92
CA PRO B 217 -15.03 27.11 4.50
C PRO B 217 -14.06 27.94 3.69
N GLU B 218 -13.74 29.15 4.14
CA GLU B 218 -12.78 30.00 3.44
C GLU B 218 -11.38 29.41 3.45
N LYS B 219 -11.12 28.42 4.29
CA LYS B 219 -9.82 27.74 4.34
C LYS B 219 -9.74 26.55 3.39
N LEU B 220 -10.87 26.12 2.84
CA LEU B 220 -10.90 24.98 1.93
C LEU B 220 -10.44 25.41 0.55
N MET B 221 -9.58 24.59 -0.05
CA MET B 221 -9.22 24.70 -1.45
C MET B 221 -9.64 23.41 -2.14
N LEU B 222 -10.43 23.54 -3.19
CA LEU B 222 -10.80 22.38 -3.99
C LEU B 222 -9.67 22.00 -4.94
N GLY B 223 -9.26 20.74 -4.89
CA GLY B 223 -8.14 20.29 -5.70
C GLY B 223 -8.57 19.95 -7.10
N MET B 224 -7.91 20.57 -8.09
CA MET B 224 -8.27 20.44 -9.48
C MET B 224 -7.06 20.01 -10.31
N PRO B 225 -7.28 19.18 -11.36
CA PRO B 225 -6.15 18.56 -12.07
C PRO B 225 -5.75 19.32 -13.32
N ASP B 226 -4.45 19.57 -13.48
CA ASP B 226 -3.96 20.32 -14.64
C ASP B 226 -4.04 19.54 -15.95
N HIS B 227 -4.15 18.21 -15.90
CA HIS B 227 -4.04 17.42 -17.11
C HIS B 227 -5.38 17.16 -17.79
N LEU B 228 -6.48 17.67 -17.24
CA LEU B 228 -7.81 17.46 -17.79
C LEU B 228 -8.46 18.79 -18.11
N ASP B 229 -9.28 18.79 -19.16
CA ASP B 229 -10.05 19.97 -19.53
C ASP B 229 -11.44 20.01 -18.92
N SER B 230 -11.84 18.92 -18.27
CA SER B 230 -13.19 18.74 -17.76
C SER B 230 -13.17 17.49 -16.89
N TRP B 231 -14.11 17.43 -15.95
CA TRP B 231 -14.32 16.23 -15.14
C TRP B 231 -15.68 16.37 -14.48
N GLN B 232 -16.30 15.23 -14.16
CA GLN B 232 -17.61 15.24 -13.51
C GLN B 232 -18.65 16.03 -14.31
N GLY B 233 -18.51 16.04 -15.63
CA GLY B 233 -19.51 16.68 -16.48
C GLY B 233 -19.41 18.19 -16.60
N SER B 234 -18.35 18.81 -16.08
CA SER B 234 -18.16 20.25 -16.16
C SER B 234 -16.76 20.57 -16.66
N SER B 235 -16.63 21.71 -17.32
CA SER B 235 -15.31 22.14 -17.74
C SER B 235 -14.47 22.63 -16.56
N ALA B 236 -13.16 22.67 -16.76
CA ALA B 236 -12.26 23.18 -15.73
C ALA B 236 -12.70 24.56 -15.26
N LEU B 237 -13.00 25.46 -16.21
CA LEU B 237 -13.44 26.78 -15.82
C LEU B 237 -14.74 26.74 -15.02
N GLN B 238 -15.70 25.89 -15.43
CA GLN B 238 -16.94 25.78 -14.68
C GLN B 238 -16.69 25.37 -13.24
N GLN B 239 -15.73 24.47 -13.02
CA GLN B 239 -15.41 24.05 -11.66
C GLN B 239 -14.78 25.20 -10.87
N VAL B 240 -13.84 25.92 -11.48
CA VAL B 240 -13.26 27.08 -10.83
C VAL B 240 -14.32 28.13 -10.49
N GLU B 241 -15.26 28.36 -11.41
CA GLU B 241 -16.33 29.32 -11.16
C GLU B 241 -17.14 28.95 -9.92
N TRP B 242 -17.35 27.65 -9.67
CA TRP B 242 -18.12 27.26 -8.50
C TRP B 242 -17.40 27.72 -7.24
N ALA B 243 -16.08 27.49 -7.19
CA ALA B 243 -15.31 27.96 -6.04
C ALA B 243 -15.44 29.47 -5.89
N GLN B 244 -15.33 30.20 -6.99
CA GLN B 244 -15.44 31.65 -6.99
C GLN B 244 -16.78 32.12 -6.42
N ASP B 245 -17.87 31.45 -6.78
CA ASP B 245 -19.21 31.87 -6.39
C ASP B 245 -19.61 31.37 -5.00
N ASN B 246 -18.86 30.42 -4.44
CA ASN B 246 -19.24 29.78 -3.18
C ASN B 246 -18.22 29.98 -2.07
N GLY B 247 -17.28 30.92 -2.24
CA GLY B 247 -16.45 31.33 -1.12
C GLY B 247 -15.39 30.34 -0.69
N VAL B 248 -14.92 29.49 -1.60
CA VAL B 248 -13.80 28.60 -1.31
C VAL B 248 -12.66 28.88 -2.28
N GLY B 249 -11.51 28.26 -2.02
CA GLY B 249 -10.35 28.41 -2.86
C GLY B 249 -10.12 27.24 -3.81
N VAL B 250 -8.96 27.27 -4.47
CA VAL B 250 -8.60 26.29 -5.48
C VAL B 250 -7.15 25.86 -5.25
N ALA B 251 -6.91 24.57 -5.43
CA ALA B 251 -5.56 24.02 -5.39
C ALA B 251 -5.31 23.28 -6.70
N LEU B 252 -4.39 23.78 -7.50
CA LEU B 252 -4.11 23.21 -8.83
C LEU B 252 -2.94 22.23 -8.73
N TRP B 253 -3.23 20.95 -8.92
CA TRP B 253 -2.18 19.96 -9.04
C TRP B 253 -2.05 19.68 -10.54
N ASP B 254 -0.98 20.10 -11.24
CA ASP B 254 0.16 20.85 -10.74
C ASP B 254 0.64 21.84 -11.83
N MET B 255 1.77 22.48 -11.54
CA MET B 255 2.28 23.54 -12.41
C MET B 255 2.83 23.06 -13.74
N GLN B 256 2.77 21.77 -14.08
CA GLN B 256 3.11 21.36 -15.44
C GLN B 256 2.10 21.88 -16.47
N LEU B 257 0.90 22.25 -16.03
CA LEU B 257 -0.13 22.82 -16.92
C LEU B 257 -0.25 22.01 -18.22
N ARG B 258 -0.54 20.72 -18.06
CA ARG B 258 -0.40 19.81 -19.17
C ARG B 258 -1.54 19.89 -20.17
N ASN B 259 -2.73 20.28 -19.75
CA ASN B 259 -3.86 20.43 -20.66
C ASN B 259 -4.01 21.89 -21.06
N GLU B 260 -4.38 22.10 -22.33
CA GLU B 260 -4.54 23.46 -22.83
CA GLU B 260 -4.57 23.45 -22.86
C GLU B 260 -5.59 24.27 -22.08
N ALA B 261 -6.54 23.61 -21.43
CA ALA B 261 -7.53 24.34 -20.63
C ALA B 261 -6.86 25.19 -19.56
N TRP B 262 -5.70 24.77 -19.06
CA TRP B 262 -5.00 25.48 -18.00
C TRP B 262 -3.94 26.41 -18.55
N GLN B 263 -3.93 26.61 -19.87
CA GLN B 263 -3.07 27.55 -20.56
C GLN B 263 -3.91 28.63 -21.24
N ARG B 264 -4.97 29.04 -20.58
CA ARG B 264 -5.93 30.00 -21.11
C ARG B 264 -6.11 31.16 -20.14
N ARG B 265 -6.36 32.33 -20.70
CA ARG B 265 -6.68 33.51 -19.91
C ARG B 265 -7.85 33.25 -18.96
N ASP B 266 -8.93 32.65 -19.47
CA ASP B 266 -10.18 32.67 -18.71
C ASP B 266 -10.00 32.07 -17.31
N ILE B 267 -9.32 30.95 -17.22
CA ILE B 267 -9.24 30.28 -15.93
C ILE B 267 -8.25 31.00 -15.01
N TRP B 268 -7.17 31.56 -15.56
CA TRP B 268 -6.25 32.34 -14.74
C TRP B 268 -6.84 33.66 -14.29
N LYS B 269 -7.71 34.26 -15.11
CA LYS B 269 -8.43 35.46 -14.68
C LYS B 269 -9.38 35.13 -13.55
N ALA B 270 -10.15 34.03 -13.66
CA ALA B 270 -11.02 33.61 -12.58
C ALA B 270 -10.22 33.33 -11.31
N LEU B 271 -9.09 32.64 -11.42
CA LEU B 271 -8.27 32.40 -10.22
C LEU B 271 -7.77 33.71 -9.63
N SER B 272 -7.41 34.69 -10.46
CA SER B 272 -6.94 35.97 -9.94
C SER B 272 -8.04 36.68 -9.16
N GLU B 273 -9.30 36.46 -9.54
CA GLU B 273 -10.43 37.08 -8.86
C GLU B 273 -10.74 36.36 -7.54
N ILE B 274 -10.61 35.04 -7.53
CA ILE B 274 -10.68 34.30 -6.28
C ILE B 274 -9.59 34.77 -5.32
N ARG B 275 -8.37 34.89 -5.83
CA ARG B 275 -7.23 35.24 -4.97
C ARG B 275 -7.37 36.63 -4.39
N GLY B 276 -7.70 37.61 -5.23
CA GLY B 276 -7.64 39.01 -4.87
C GLY B 276 -6.21 39.51 -4.83
N PRO B 277 -6.06 40.81 -4.55
CA PRO B 277 -4.71 41.38 -4.51
CA PRO B 277 -4.72 41.39 -4.51
C PRO B 277 -3.93 40.93 -3.29
N LEU B 278 -2.61 40.95 -3.43
CA LEU B 278 -1.73 40.55 -2.35
C LEU B 278 -0.99 41.78 -1.80
#